data_1ZDT
#
_entry.id   1ZDT
#
_cell.length_a   73.601
_cell.length_b   73.601
_cell.length_c   195.678
_cell.angle_alpha   90.00
_cell.angle_beta   90.00
_cell.angle_gamma   120.00
#
_symmetry.space_group_name_H-M   'P 31 2 1'
#
loop_
_entity.id
_entity.type
_entity.pdbx_description
1 polymer 'Steroidogenic factor 1'
2 polymer 'Nuclear receptor coactivator 2'
3 non-polymer DI-PALMITOYL-3-SN-PHOSPHATIDYLETHANOLAMINE
4 water water
#
loop_
_entity_poly.entity_id
_entity_poly.type
_entity_poly.pdbx_seq_one_letter_code
_entity_poly.pdbx_strand_id
1 'polypeptide(L)'
;PNVPELILQLLQLEPDEDQVRARILGSLQEPTKSRPDQPAAFGLLCRMADQTFISIVDWARRCMVFKELEVADQMTLLQN
CWSELLVFDHIYRQVQHGKEGSILLVTGQEVELTTVATQAGSLLHSLVLRAQELVLQLLALQLDRQEFVCLKFIILFSLD
LKFLNNHILVKDAQEKANAALLDYTLCHYPHSGDKFQQLLLCLVEVRALSMQAKEYLYHKHLGNEMPRNNLLIEMLQAKQ
T
;
A,B
2 'polypeptide(L)' ENALLRYLLDKD P,Q
#
# COMPACT_ATOMS: atom_id res chain seq x y z
N PRO A 1 -13.33 -21.41 -26.10
CA PRO A 1 -13.99 -21.58 -24.77
C PRO A 1 -13.27 -22.65 -23.97
N ASN A 2 -13.01 -23.78 -24.63
CA ASN A 2 -12.43 -24.96 -24.02
C ASN A 2 -10.90 -24.77 -23.80
N VAL A 3 -10.54 -23.88 -22.89
CA VAL A 3 -9.14 -23.47 -22.71
C VAL A 3 -8.28 -24.69 -22.33
N PRO A 4 -7.10 -24.88 -22.94
CA PRO A 4 -6.24 -26.03 -22.60
C PRO A 4 -5.97 -26.10 -21.09
N GLU A 5 -5.87 -27.32 -20.56
CA GLU A 5 -5.78 -27.48 -19.12
C GLU A 5 -4.47 -26.91 -18.58
N LEU A 6 -3.38 -27.02 -19.31
CA LEU A 6 -2.12 -26.41 -18.88
C LEU A 6 -2.26 -24.92 -18.66
N ILE A 7 -2.98 -24.26 -19.56
CA ILE A 7 -3.17 -22.83 -19.42
C ILE A 7 -4.03 -22.52 -18.18
N LEU A 8 -5.01 -23.37 -17.94
CA LEU A 8 -5.87 -23.21 -16.77
C LEU A 8 -5.06 -23.33 -15.50
N GLN A 9 -4.17 -24.32 -15.44
CA GLN A 9 -3.37 -24.57 -14.25
C GLN A 9 -2.41 -23.44 -14.04
N LEU A 10 -1.87 -22.87 -15.12
CA LEU A 10 -0.99 -21.73 -15.01
C LEU A 10 -1.65 -20.43 -14.51
N LEU A 11 -2.91 -20.21 -14.85
CA LEU A 11 -3.63 -19.03 -14.35
C LEU A 11 -3.84 -19.11 -12.88
N GLN A 12 -4.10 -20.31 -12.39
CA GLN A 12 -4.28 -20.55 -10.97
C GLN A 12 -3.00 -20.32 -10.16
N LEU A 13 -1.84 -20.43 -10.81
CA LEU A 13 -0.57 -20.15 -10.16
C LEU A 13 -0.22 -18.69 -10.22
N GLU A 14 -0.82 -17.96 -11.15
CA GLU A 14 -0.46 -16.56 -11.35
C GLU A 14 -0.77 -15.81 -10.04
N PRO A 15 0.24 -15.21 -9.42
CA PRO A 15 0.08 -14.60 -8.09
C PRO A 15 -0.69 -13.28 -8.11
N ASP A 16 -0.64 -12.59 -9.26
CA ASP A 16 -1.24 -11.26 -9.31
C ASP A 16 -2.70 -11.31 -8.92
N GLU A 17 -2.95 -10.75 -7.75
CA GLU A 17 -4.25 -10.24 -7.33
C GLU A 17 -3.96 -8.95 -6.50
N ASP A 18 -2.96 -8.18 -6.96
CA ASP A 18 -2.41 -6.97 -6.29
C ASP A 18 -1.27 -7.30 -5.33
N GLN A 19 -0.95 -8.58 -5.24
CA GLN A 19 -0.13 -9.12 -4.17
C GLN A 19 1.34 -8.97 -4.52
N VAL A 20 1.67 -9.04 -5.80
CA VAL A 20 3.05 -8.85 -6.27
C VAL A 20 3.56 -7.46 -5.80
N ARG A 21 2.79 -6.43 -6.14
CA ARG A 21 3.07 -5.04 -5.74
C ARG A 21 3.20 -4.82 -4.23
N ALA A 22 2.30 -5.41 -3.45
CA ALA A 22 2.39 -5.31 -1.99
C ALA A 22 3.71 -5.92 -1.52
N ARG A 23 3.92 -7.18 -1.88
CA ARG A 23 5.09 -7.94 -1.50
C ARG A 23 6.40 -7.24 -1.91
N ILE A 24 6.39 -6.42 -2.98
CA ILE A 24 7.65 -5.77 -3.42
C ILE A 24 8.10 -4.69 -2.43
N LEU A 25 9.39 -4.77 -2.03
CA LEU A 25 9.90 -4.34 -0.69
C LEU A 25 10.81 -3.10 -0.58
N GLY A 26 11.24 -2.50 -1.69
CA GLY A 26 11.83 -1.17 -1.60
C GLY A 26 10.82 -0.32 -0.83
N SER A 27 11.20 0.19 0.33
CA SER A 27 10.18 0.56 1.30
C SER A 27 9.76 2.06 1.32
N LEU A 28 9.38 2.59 0.14
CA LEU A 28 8.57 3.83 0.03
C LEU A 28 9.00 4.96 0.97
N PRO A 36 7.72 20.89 -9.85
CA PRO A 36 8.99 20.62 -9.15
C PRO A 36 9.30 19.13 -9.03
N ASP A 37 9.66 18.48 -10.13
CA ASP A 37 10.07 17.06 -10.08
C ASP A 37 11.54 16.81 -10.46
N GLN A 38 12.00 15.56 -10.32
CA GLN A 38 13.40 15.29 -9.94
C GLN A 38 14.10 14.25 -10.80
N PRO A 39 15.37 13.97 -10.49
CA PRO A 39 16.08 12.87 -11.15
C PRO A 39 15.52 11.46 -10.83
N ALA A 40 15.72 10.52 -11.74
CA ALA A 40 15.32 9.12 -11.54
C ALA A 40 15.96 8.56 -10.27
N ALA A 41 15.17 7.80 -9.51
CA ALA A 41 15.66 7.15 -8.30
C ALA A 41 16.37 5.84 -8.65
N PHE A 42 17.59 5.94 -9.18
CA PHE A 42 18.34 4.80 -9.72
C PHE A 42 18.44 3.58 -8.80
N GLY A 43 18.96 3.75 -7.59
CA GLY A 43 19.15 2.63 -6.67
C GLY A 43 17.85 1.90 -6.35
N LEU A 44 16.78 2.66 -6.26
CA LEU A 44 15.47 2.15 -5.90
C LEU A 44 14.88 1.41 -7.09
N LEU A 45 15.13 1.92 -8.28
CA LEU A 45 14.70 1.24 -9.50
C LEU A 45 15.41 -0.08 -9.63
N CYS A 46 16.68 -0.12 -9.23
CA CYS A 46 17.47 -1.34 -9.21
C CYS A 46 16.88 -2.34 -8.24
N ARG A 47 16.62 -1.87 -7.04
CA ARG A 47 16.00 -2.67 -5.98
C ARG A 47 14.68 -3.27 -6.44
N MET A 48 13.88 -2.47 -7.13
CA MET A 48 12.57 -2.88 -7.62
C MET A 48 12.69 -4.01 -8.60
N ALA A 49 13.69 -3.92 -9.47
CA ALA A 49 13.93 -4.94 -10.49
C ALA A 49 14.43 -6.24 -9.88
N ASP A 50 15.21 -6.12 -8.81
CA ASP A 50 15.77 -7.26 -8.10
C ASP A 50 14.66 -8.04 -7.43
N GLN A 51 13.71 -7.31 -6.85
CA GLN A 51 12.60 -7.92 -6.16
C GLN A 51 11.65 -8.58 -7.14
N THR A 52 11.55 -8.02 -8.34
CA THR A 52 10.77 -8.61 -9.40
C THR A 52 11.43 -9.89 -9.83
N PHE A 53 12.75 -9.92 -9.84
CA PHE A 53 13.40 -11.15 -10.20
C PHE A 53 13.06 -12.20 -9.18
N ILE A 54 13.10 -11.81 -7.91
CA ILE A 54 12.77 -12.69 -6.82
C ILE A 54 11.42 -13.32 -7.00
N SER A 55 10.44 -12.50 -7.37
CA SER A 55 9.07 -12.95 -7.52
C SER A 55 8.88 -13.89 -8.73
N ILE A 56 9.71 -13.70 -9.75
CA ILE A 56 9.71 -14.57 -10.92
C ILE A 56 10.27 -15.96 -10.59
N VAL A 57 11.27 -16.04 -9.71
CA VAL A 57 11.82 -17.32 -9.27
C VAL A 57 10.82 -18.03 -8.36
N ASP A 58 10.12 -17.27 -7.53
CA ASP A 58 8.99 -17.76 -6.73
C ASP A 58 7.90 -18.39 -7.61
N TRP A 59 7.60 -17.72 -8.71
CA TRP A 59 6.65 -18.20 -9.67
C TRP A 59 7.11 -19.52 -10.28
N ALA A 60 8.35 -19.54 -10.76
CA ALA A 60 8.88 -20.69 -11.48
C ALA A 60 8.96 -21.90 -10.58
N ARG A 61 9.30 -21.70 -9.31
CA ARG A 61 9.42 -22.86 -8.43
C ARG A 61 8.06 -23.49 -8.05
N ARG A 62 6.99 -22.73 -8.22
CA ARG A 62 5.63 -23.26 -8.08
C ARG A 62 5.08 -23.91 -9.37
N CYS A 63 5.70 -23.68 -10.54
CA CYS A 63 5.19 -24.19 -11.82
C CYS A 63 5.23 -25.69 -11.91
N MET A 64 4.20 -26.25 -12.54
CA MET A 64 4.18 -27.65 -12.89
C MET A 64 5.41 -27.95 -13.72
N VAL A 65 5.85 -29.21 -13.62
CA VAL A 65 7.04 -29.75 -14.28
C VAL A 65 8.33 -29.29 -13.63
N PHE A 66 8.52 -27.96 -13.56
CA PHE A 66 9.66 -27.32 -12.93
C PHE A 66 9.86 -27.75 -11.48
N LYS A 67 8.80 -27.74 -10.71
CA LYS A 67 8.88 -28.13 -9.32
C LYS A 67 9.17 -29.61 -9.12
N GLU A 68 9.14 -30.38 -10.20
CA GLU A 68 9.48 -31.79 -10.14
C GLU A 68 10.94 -32.07 -10.48
N LEU A 69 11.57 -31.16 -11.19
CA LEU A 69 12.98 -31.25 -11.53
C LEU A 69 13.86 -31.03 -10.31
N GLU A 70 15.09 -31.54 -10.38
CA GLU A 70 16.03 -31.37 -9.29
C GLU A 70 16.66 -30.01 -9.41
N VAL A 71 17.29 -29.55 -8.35
CA VAL A 71 17.71 -28.18 -8.25
C VAL A 71 18.68 -27.77 -9.36
N ALA A 72 19.52 -28.70 -9.78
CA ALA A 72 20.55 -28.41 -10.78
C ALA A 72 19.93 -28.01 -12.10
N ASP A 73 18.93 -28.76 -12.52
CA ASP A 73 18.18 -28.45 -13.74
C ASP A 73 17.39 -27.17 -13.61
N GLN A 74 16.80 -26.96 -12.44
CA GLN A 74 16.05 -25.73 -12.17
C GLN A 74 16.94 -24.53 -12.34
N MET A 75 18.19 -24.68 -11.92
CA MET A 75 19.14 -23.58 -11.97
C MET A 75 19.54 -23.28 -13.41
N THR A 76 19.83 -24.32 -14.17
CA THR A 76 20.20 -24.15 -15.58
C THR A 76 19.11 -23.42 -16.37
N LEU A 77 17.88 -23.87 -16.19
CA LEU A 77 16.73 -23.30 -16.86
C LEU A 77 16.57 -21.83 -16.56
N LEU A 78 16.65 -21.49 -15.27
CA LEU A 78 16.54 -20.11 -14.82
C LEU A 78 17.73 -19.24 -15.19
N GLN A 79 18.94 -19.83 -15.16
CA GLN A 79 20.16 -19.22 -15.69
C GLN A 79 20.05 -18.91 -17.20
N ASN A 80 19.33 -19.73 -17.94
CA ASN A 80 19.09 -19.49 -19.35
C ASN A 80 18.06 -18.41 -19.66
N CYS A 81 17.08 -18.18 -18.78
CA CYS A 81 15.92 -17.39 -19.16
C CYS A 81 15.60 -16.19 -18.30
N TRP A 82 16.42 -15.91 -17.29
CA TRP A 82 16.04 -14.94 -16.28
C TRP A 82 15.82 -13.55 -16.87
N SER A 83 16.65 -13.15 -17.82
CA SER A 83 16.55 -11.81 -18.39
C SER A 83 15.33 -11.70 -19.32
N GLU A 84 15.06 -12.78 -20.03
CA GLU A 84 13.86 -12.93 -20.87
C GLU A 84 12.59 -12.84 -20.07
N LEU A 85 12.54 -13.52 -18.93
CA LEU A 85 11.37 -13.45 -18.08
C LEU A 85 11.11 -12.03 -17.50
N LEU A 86 12.18 -11.33 -17.15
CA LEU A 86 12.08 -9.97 -16.64
C LEU A 86 11.63 -8.98 -17.72
N VAL A 87 12.23 -9.06 -18.90
CA VAL A 87 11.80 -8.26 -20.04
C VAL A 87 10.33 -8.54 -20.40
N PHE A 88 9.98 -9.81 -20.50
CA PHE A 88 8.62 -10.19 -20.81
C PHE A 88 7.68 -9.73 -19.72
N ASP A 89 8.12 -9.78 -18.47
CA ASP A 89 7.31 -9.26 -17.39
C ASP A 89 7.03 -7.76 -17.57
N HIS A 90 8.06 -7.02 -17.96
CA HIS A 90 7.93 -5.60 -18.14
C HIS A 90 7.03 -5.29 -19.34
N ILE A 91 7.28 -5.97 -20.47
CA ILE A 91 6.45 -5.88 -21.68
C ILE A 91 4.94 -6.08 -21.45
N TYR A 92 4.59 -7.18 -20.80
CA TYR A 92 3.18 -7.48 -20.55
C TYR A 92 2.52 -6.45 -19.66
N ARG A 93 3.28 -5.93 -18.70
CA ARG A 93 2.85 -4.79 -17.91
C ARG A 93 2.46 -3.60 -18.79
N GLN A 94 3.22 -3.39 -19.85
CA GLN A 94 2.94 -2.30 -20.78
C GLN A 94 1.74 -2.57 -21.66
N VAL A 95 1.41 -3.82 -21.93
CA VAL A 95 0.19 -4.07 -22.72
C VAL A 95 -1.04 -3.85 -21.82
N GLN A 96 -0.91 -4.22 -20.55
CA GLN A 96 -1.92 -3.95 -19.52
C GLN A 96 -2.14 -2.47 -19.27
N HIS A 97 -1.11 -1.68 -19.53
CA HIS A 97 -1.12 -0.25 -19.24
C HIS A 97 -1.91 0.50 -20.33
N GLY A 98 -1.56 0.19 -21.58
CA GLY A 98 -2.26 0.69 -22.73
C GLY A 98 -2.07 2.17 -22.94
N LYS A 99 -0.90 2.69 -22.57
CA LYS A 99 -0.55 4.09 -22.84
C LYS A 99 0.81 4.21 -23.53
N GLU A 100 0.79 4.82 -24.72
CA GLU A 100 1.98 5.01 -25.53
C GLU A 100 2.93 6.07 -24.95
N GLY A 101 2.39 6.96 -24.12
CA GLY A 101 3.14 8.10 -23.62
C GLY A 101 3.93 7.86 -22.35
N SER A 102 3.76 6.71 -21.70
CA SER A 102 4.44 6.41 -20.44
C SER A 102 4.61 4.93 -20.17
N ILE A 103 5.47 4.64 -19.19
CA ILE A 103 5.80 3.28 -18.78
C ILE A 103 5.23 3.04 -17.40
N LEU A 104 4.66 1.87 -17.20
CA LEU A 104 4.18 1.44 -15.91
C LEU A 104 5.25 0.55 -15.27
N LEU A 105 5.51 0.82 -14.00
CA LEU A 105 6.38 0.01 -13.21
C LEU A 105 5.55 -0.80 -12.26
N VAL A 106 6.16 -1.87 -11.77
CA VAL A 106 5.52 -2.81 -10.88
C VAL A 106 5.02 -2.16 -9.56
N THR A 107 5.67 -1.06 -9.17
CA THR A 107 5.28 -0.26 -8.01
C THR A 107 3.99 0.52 -8.21
N GLY A 108 3.49 0.59 -9.43
CA GLY A 108 2.35 1.43 -9.75
C GLY A 108 2.74 2.76 -10.35
N GLN A 109 4.04 3.02 -10.41
CA GLN A 109 4.53 4.30 -10.85
C GLN A 109 4.61 4.35 -12.36
N GLU A 110 4.18 5.45 -12.96
CA GLU A 110 4.30 5.66 -14.41
C GLU A 110 5.42 6.66 -14.72
N VAL A 111 6.21 6.37 -15.75
CA VAL A 111 7.28 7.24 -16.21
C VAL A 111 6.98 7.64 -17.63
N GLU A 112 6.78 8.92 -17.86
CA GLU A 112 6.63 9.44 -19.21
C GLU A 112 7.84 9.12 -20.05
N LEU A 113 7.59 8.88 -21.32
CA LEU A 113 8.67 8.59 -22.24
C LEU A 113 9.53 9.83 -22.51
N THR A 114 8.95 11.03 -22.41
CA THR A 114 9.74 12.25 -22.51
C THR A 114 10.77 12.33 -21.38
N THR A 115 10.43 11.83 -20.21
CA THR A 115 11.36 11.76 -19.09
C THR A 115 12.59 10.92 -19.41
N VAL A 116 12.38 9.75 -20.01
CA VAL A 116 13.50 8.87 -20.35
C VAL A 116 14.30 9.46 -21.53
N ALA A 117 13.62 10.17 -22.42
CA ALA A 117 14.34 10.91 -23.45
C ALA A 117 15.29 11.95 -22.85
N THR A 118 14.90 12.62 -21.77
CA THR A 118 15.77 13.66 -21.18
C THR A 118 16.91 13.11 -20.30
N GLN A 119 16.70 11.97 -19.65
CA GLN A 119 17.65 11.44 -18.67
C GLN A 119 18.53 10.25 -19.11
N ALA A 120 17.94 9.32 -19.85
CA ALA A 120 18.61 8.07 -20.23
C ALA A 120 19.73 8.29 -21.22
N GLY A 121 20.80 7.51 -21.09
CA GLY A 121 21.87 7.47 -22.07
C GLY A 121 21.47 6.81 -23.37
N SER A 122 22.44 6.66 -24.29
CA SER A 122 22.17 6.06 -25.60
C SER A 122 21.56 4.68 -25.45
N LEU A 123 22.19 3.85 -24.64
CA LEU A 123 21.83 2.45 -24.50
C LEU A 123 20.46 2.24 -23.88
N LEU A 124 20.20 2.92 -22.78
CA LEU A 124 18.95 2.71 -22.08
C LEU A 124 17.81 3.20 -22.94
N HIS A 125 18.02 4.33 -23.61
CA HIS A 125 16.95 4.91 -24.41
C HIS A 125 16.55 3.97 -25.56
N SER A 126 17.54 3.40 -26.25
CA SER A 126 17.30 2.44 -27.34
C SER A 126 16.47 1.30 -26.83
N LEU A 127 16.85 0.81 -25.67
CA LEU A 127 16.27 -0.40 -25.09
C LEU A 127 14.81 -0.22 -24.82
N VAL A 128 14.50 0.89 -24.19
CA VAL A 128 13.15 1.25 -23.79
C VAL A 128 12.24 1.37 -25.00
N LEU A 129 12.76 2.04 -26.03
CA LEU A 129 12.01 2.32 -27.23
C LEU A 129 11.72 1.02 -28.01
N ARG A 130 12.73 0.17 -28.11
CA ARG A 130 12.63 -1.07 -28.82
C ARG A 130 11.61 -1.92 -28.11
N ALA A 131 11.65 -1.91 -26.78
CA ALA A 131 10.64 -2.61 -25.99
C ALA A 131 9.22 -2.13 -26.26
N GLN A 132 9.04 -0.83 -26.43
CA GLN A 132 7.70 -0.28 -26.65
C GLN A 132 7.14 -0.68 -28.00
N GLU A 133 8.02 -0.87 -28.98
CA GLU A 133 7.62 -1.35 -30.29
C GLU A 133 7.02 -2.74 -30.20
N LEU A 134 7.67 -3.58 -29.40
CA LEU A 134 7.19 -4.89 -29.08
C LEU A 134 5.86 -4.88 -28.31
N VAL A 135 5.67 -3.90 -27.45
CA VAL A 135 4.39 -3.75 -26.74
C VAL A 135 3.25 -3.50 -27.77
N LEU A 136 3.57 -2.67 -28.75
CA LEU A 136 2.64 -2.25 -29.76
C LEU A 136 2.24 -3.44 -30.61
N GLN A 137 3.20 -4.29 -30.90
CA GLN A 137 2.98 -5.52 -31.66
C GLN A 137 2.03 -6.49 -30.97
N LEU A 138 2.25 -6.68 -29.67
CA LEU A 138 1.45 -7.61 -28.89
C LEU A 138 0.06 -7.09 -28.67
N LEU A 139 -0.08 -5.76 -28.64
CA LEU A 139 -1.40 -5.14 -28.57
C LEU A 139 -2.17 -5.32 -29.89
N ALA A 140 -1.47 -5.29 -31.02
CA ALA A 140 -2.10 -5.50 -32.31
C ALA A 140 -2.52 -6.96 -32.50
N LEU A 141 -1.89 -7.86 -31.76
CA LEU A 141 -2.25 -9.27 -31.78
C LEU A 141 -3.29 -9.58 -30.72
N GLN A 142 -3.72 -8.56 -29.99
CA GLN A 142 -4.73 -8.70 -28.94
C GLN A 142 -4.30 -9.72 -27.90
N LEU A 143 -3.07 -9.58 -27.45
CA LEU A 143 -2.44 -10.48 -26.48
C LEU A 143 -3.30 -10.51 -25.22
N ASP A 144 -3.59 -11.70 -24.71
CA ASP A 144 -4.36 -11.81 -23.47
C ASP A 144 -3.60 -12.59 -22.37
N ARG A 145 -4.17 -12.61 -21.18
CA ARG A 145 -3.54 -13.20 -20.00
C ARG A 145 -3.31 -14.70 -20.16
N GLN A 146 -4.16 -15.37 -20.93
CA GLN A 146 -4.04 -16.80 -21.18
C GLN A 146 -2.80 -17.05 -22.01
N GLU A 147 -2.60 -16.21 -22.99
CA GLU A 147 -1.48 -16.32 -23.86
C GLU A 147 -0.25 -15.94 -23.11
N PHE A 148 -0.40 -14.93 -22.25
CA PHE A 148 0.71 -14.42 -21.46
C PHE A 148 1.31 -15.51 -20.62
N VAL A 149 0.53 -16.20 -19.82
CA VAL A 149 1.10 -17.22 -18.94
C VAL A 149 1.64 -18.42 -19.69
N CYS A 150 1.08 -18.73 -20.87
CA CYS A 150 1.58 -19.82 -21.69
C CYS A 150 2.94 -19.49 -22.24
N LEU A 151 3.07 -18.25 -22.66
CA LEU A 151 4.29 -17.78 -23.28
C LEU A 151 5.44 -17.72 -22.24
N LYS A 152 5.14 -17.35 -21.02
CA LYS A 152 6.17 -17.32 -20.01
C LYS A 152 6.59 -18.69 -19.51
N PHE A 153 5.70 -19.68 -19.59
CA PHE A 153 6.07 -21.05 -19.35
C PHE A 153 6.96 -21.51 -20.50
N ILE A 154 6.65 -21.08 -21.71
CA ILE A 154 7.44 -21.47 -22.87
C ILE A 154 8.89 -20.96 -22.77
N ILE A 155 9.02 -19.71 -22.31
CA ILE A 155 10.30 -19.07 -22.11
C ILE A 155 11.08 -19.80 -21.06
N LEU A 156 10.43 -20.14 -19.96
CA LEU A 156 11.01 -20.92 -18.89
C LEU A 156 11.66 -22.21 -19.39
N PHE A 157 10.98 -22.92 -20.28
CA PHE A 157 11.46 -24.20 -20.81
C PHE A 157 12.09 -24.12 -22.19
N SER A 158 12.43 -22.91 -22.63
CA SER A 158 13.11 -22.66 -23.90
C SER A 158 14.62 -22.89 -23.80
N LEU A 159 15.02 -24.08 -23.41
CA LEU A 159 16.40 -24.45 -23.33
C LEU A 159 16.47 -25.80 -24.03
N ASP A 160 17.54 -26.01 -24.79
CA ASP A 160 17.73 -27.26 -25.47
C ASP A 160 17.98 -28.35 -24.46
N LEU A 161 17.32 -29.48 -24.69
CA LEU A 161 17.31 -30.62 -23.79
C LEU A 161 18.66 -31.08 -23.35
N LYS A 162 19.63 -30.96 -24.25
CA LYS A 162 20.97 -31.50 -24.03
C LYS A 162 21.63 -30.93 -22.79
N PHE A 163 21.29 -29.69 -22.43
CA PHE A 163 21.90 -29.02 -21.28
C PHE A 163 21.40 -29.49 -19.89
N LEU A 164 20.46 -30.43 -19.87
CA LEU A 164 19.81 -30.87 -18.65
C LEU A 164 19.91 -32.37 -18.46
N ASN A 165 19.72 -32.82 -17.22
CA ASN A 165 19.69 -34.23 -16.88
C ASN A 165 18.42 -34.87 -17.35
N ASN A 166 17.32 -34.25 -16.98
CA ASN A 166 16.02 -34.81 -17.27
C ASN A 166 15.50 -34.35 -18.62
N HIS A 167 15.76 -35.14 -19.66
CA HIS A 167 15.18 -34.88 -20.98
C HIS A 167 13.69 -35.15 -21.00
N ILE A 168 13.29 -36.33 -20.54
CA ILE A 168 11.92 -36.79 -20.74
C ILE A 168 10.87 -35.76 -20.33
N LEU A 169 11.03 -35.14 -19.18
CA LEU A 169 9.99 -34.27 -18.65
C LEU A 169 10.02 -32.90 -19.27
N VAL A 170 11.22 -32.40 -19.54
CA VAL A 170 11.36 -31.10 -20.17
C VAL A 170 10.84 -31.10 -21.63
N LYS A 171 11.04 -32.20 -22.35
CA LYS A 171 10.59 -32.33 -23.72
C LYS A 171 9.07 -32.32 -23.76
N ASP A 172 8.49 -33.03 -22.81
CA ASP A 172 7.05 -33.11 -22.69
C ASP A 172 6.46 -31.73 -22.41
N ALA A 173 7.10 -30.99 -21.51
CA ALA A 173 6.66 -29.64 -21.17
C ALA A 173 6.78 -28.72 -22.35
N GLN A 174 7.87 -28.84 -23.09
CA GLN A 174 8.10 -27.97 -24.25
C GLN A 174 7.06 -28.20 -25.31
N GLU A 175 6.70 -29.47 -25.51
CA GLU A 175 5.75 -29.89 -26.53
C GLU A 175 4.30 -29.55 -26.13
N LYS A 176 3.94 -29.88 -24.89
CA LYS A 176 2.64 -29.58 -24.35
C LYS A 176 2.35 -28.08 -24.30
N ALA A 177 3.39 -27.27 -24.11
CA ALA A 177 3.23 -25.83 -23.96
C ALA A 177 2.95 -25.16 -25.30
N ASN A 178 3.65 -25.60 -26.34
CA ASN A 178 3.42 -25.12 -27.69
C ASN A 178 2.08 -25.54 -28.26
N ALA A 179 1.72 -26.80 -28.00
CA ALA A 179 0.45 -27.35 -28.42
C ALA A 179 -0.70 -26.57 -27.80
N ALA A 180 -0.53 -26.21 -26.53
CA ALA A 180 -1.51 -25.45 -25.80
C ALA A 180 -1.70 -24.08 -26.40
N LEU A 181 -0.60 -23.43 -26.77
CA LEU A 181 -0.67 -22.09 -27.33
C LEU A 181 -1.39 -22.12 -28.68
N LEU A 182 -1.07 -23.10 -29.51
CA LEU A 182 -1.67 -23.25 -30.82
C LEU A 182 -3.16 -23.50 -30.73
N ASP A 183 -3.50 -24.40 -29.83
CA ASP A 183 -4.88 -24.77 -29.64
C ASP A 183 -5.67 -23.56 -29.22
N TYR A 184 -5.13 -22.75 -28.31
CA TYR A 184 -5.85 -21.59 -27.78
C TYR A 184 -6.01 -20.48 -28.83
N THR A 185 -4.93 -20.15 -29.53
CA THR A 185 -4.93 -19.07 -30.53
C THR A 185 -5.79 -19.42 -31.71
N LEU A 186 -5.82 -20.70 -32.03
CA LEU A 186 -6.61 -21.20 -33.15
C LEU A 186 -8.13 -21.09 -32.88
N CYS A 187 -8.51 -21.32 -31.62
CA CYS A 187 -9.90 -21.30 -31.16
C CYS A 187 -10.41 -19.91 -30.78
N HIS A 188 -9.51 -19.02 -30.42
CA HIS A 188 -9.89 -17.76 -29.77
C HIS A 188 -9.62 -16.56 -30.65
N TYR A 189 -8.70 -16.73 -31.60
CA TYR A 189 -8.33 -15.70 -32.54
C TYR A 189 -8.58 -16.30 -33.92
N PRO A 190 -9.84 -16.35 -34.34
CA PRO A 190 -10.18 -16.89 -35.67
C PRO A 190 -10.01 -15.82 -36.76
N HIS A 191 -9.13 -14.87 -36.47
CA HIS A 191 -8.85 -13.74 -37.32
C HIS A 191 -7.66 -14.03 -38.25
N SER A 192 -7.35 -13.06 -39.11
CA SER A 192 -6.31 -13.27 -40.10
C SER A 192 -4.97 -13.22 -39.38
N GLY A 193 -3.99 -13.82 -40.03
CA GLY A 193 -2.68 -13.99 -39.46
C GLY A 193 -2.66 -15.25 -38.62
N ASP A 194 -1.57 -15.98 -38.72
CA ASP A 194 -1.29 -17.11 -37.84
C ASP A 194 -0.72 -16.59 -36.51
N LYS A 195 -1.59 -16.52 -35.50
CA LYS A 195 -1.26 -15.87 -34.24
C LYS A 195 -0.26 -16.65 -33.41
N PHE A 196 -0.33 -17.97 -33.46
CA PHE A 196 0.67 -18.83 -32.86
C PHE A 196 2.08 -18.47 -33.35
N GLN A 197 2.25 -18.42 -34.65
CA GLN A 197 3.52 -18.14 -35.27
C GLN A 197 4.02 -16.71 -34.98
N GLN A 198 3.09 -15.75 -35.00
CA GLN A 198 3.39 -14.35 -34.73
C GLN A 198 3.88 -14.15 -33.32
N LEU A 199 3.26 -14.84 -32.37
CA LEU A 199 3.68 -14.81 -30.99
C LEU A 199 5.05 -15.44 -30.77
N LEU A 200 5.36 -16.52 -31.50
CA LEU A 200 6.69 -17.10 -31.47
C LEU A 200 7.75 -16.12 -32.00
N LEU A 201 7.39 -15.37 -33.02
CA LEU A 201 8.28 -14.36 -33.56
C LEU A 201 8.56 -13.25 -32.53
N CYS A 202 7.55 -12.98 -31.70
CA CYS A 202 7.65 -12.04 -30.62
C CYS A 202 8.62 -12.50 -29.57
N LEU A 203 8.61 -13.79 -29.29
CA LEU A 203 9.54 -14.38 -28.35
C LEU A 203 10.99 -14.22 -28.83
N VAL A 204 11.21 -14.26 -30.13
CA VAL A 204 12.53 -14.06 -30.69
C VAL A 204 12.97 -12.65 -30.37
N GLU A 205 12.05 -11.71 -30.49
CA GLU A 205 12.33 -10.32 -30.14
C GLU A 205 12.55 -10.11 -28.66
N VAL A 206 11.84 -10.83 -27.81
CA VAL A 206 12.04 -10.76 -26.37
C VAL A 206 13.45 -11.22 -26.04
N ARG A 207 13.92 -12.24 -26.71
CA ARG A 207 15.26 -12.71 -26.49
C ARG A 207 16.34 -11.67 -26.94
N ALA A 208 16.06 -10.97 -28.02
CA ALA A 208 17.02 -10.04 -28.57
C ALA A 208 17.10 -8.82 -27.69
N LEU A 209 15.94 -8.39 -27.19
CA LEU A 209 15.83 -7.33 -26.21
C LEU A 209 16.55 -7.63 -24.90
N SER A 210 16.43 -8.86 -24.44
CA SER A 210 17.03 -9.26 -23.19
C SER A 210 18.55 -9.32 -23.27
N MET A 211 19.06 -9.59 -24.46
CA MET A 211 20.49 -9.50 -24.73
C MET A 211 21.01 -8.05 -24.66
N GLN A 212 20.30 -7.12 -25.30
CA GLN A 212 20.59 -5.69 -25.16
C GLN A 212 20.49 -5.25 -23.71
N ALA A 213 19.61 -5.86 -22.94
CA ALA A 213 19.45 -5.52 -21.54
C ALA A 213 20.65 -5.91 -20.68
N LYS A 214 21.15 -7.14 -20.89
CA LYS A 214 22.37 -7.60 -20.23
C LYS A 214 23.61 -6.76 -20.56
N GLU A 215 23.67 -6.25 -21.78
CA GLU A 215 24.74 -5.42 -22.25
C GLU A 215 24.68 -4.04 -21.59
N TYR A 216 23.47 -3.51 -21.43
CA TYR A 216 23.25 -2.28 -20.65
C TYR A 216 23.72 -2.49 -19.23
N LEU A 217 23.27 -3.58 -18.62
CA LEU A 217 23.74 -4.00 -17.29
C LEU A 217 25.25 -4.11 -17.18
N TYR A 218 25.88 -4.75 -18.16
CA TYR A 218 27.31 -4.94 -18.15
C TYR A 218 28.07 -3.61 -18.27
N HIS A 219 27.53 -2.71 -19.07
CA HIS A 219 28.03 -1.36 -19.17
C HIS A 219 28.03 -0.65 -17.80
N LYS A 220 26.91 -0.67 -17.09
CA LYS A 220 26.79 -0.07 -15.75
C LYS A 220 27.77 -0.66 -14.75
N HIS A 221 27.94 -1.98 -14.84
CA HIS A 221 28.81 -2.74 -13.97
C HIS A 221 30.27 -2.35 -14.15
N LEU A 222 30.72 -2.18 -15.38
CA LEU A 222 32.10 -1.82 -15.65
C LEU A 222 32.45 -0.41 -15.17
N GLY A 223 31.48 0.48 -15.18
CA GLY A 223 31.64 1.83 -14.66
C GLY A 223 31.29 1.97 -13.19
N ASN A 224 31.22 0.83 -12.48
CA ASN A 224 30.87 0.80 -11.06
C ASN A 224 29.62 1.61 -10.66
N GLU A 225 28.61 1.63 -11.54
CA GLU A 225 27.37 2.41 -11.34
C GLU A 225 26.21 1.63 -10.68
N MET A 226 26.35 0.32 -10.55
CA MET A 226 25.30 -0.50 -9.95
C MET A 226 25.48 -0.64 -8.44
N PRO A 227 24.37 -0.76 -7.71
CA PRO A 227 24.44 -1.07 -6.28
C PRO A 227 25.29 -2.30 -6.02
N ARG A 228 25.98 -2.33 -4.89
CA ARG A 228 27.02 -3.31 -4.61
C ARG A 228 26.50 -4.74 -4.49
N ASN A 229 25.23 -4.89 -4.15
CA ASN A 229 24.75 -6.23 -3.95
C ASN A 229 23.56 -6.54 -4.85
N ASN A 230 23.56 -5.91 -6.04
CA ASN A 230 22.55 -6.08 -7.04
C ASN A 230 22.44 -7.55 -7.48
N LEU A 231 21.20 -8.03 -7.53
CA LEU A 231 20.91 -9.40 -7.91
C LEU A 231 21.06 -9.64 -9.40
N LEU A 232 20.71 -8.66 -10.22
CA LEU A 232 20.82 -8.86 -11.67
C LEU A 232 22.27 -8.97 -12.11
N ILE A 233 23.17 -8.26 -11.42
CA ILE A 233 24.60 -8.34 -11.70
C ILE A 233 25.16 -9.69 -11.28
N GLU A 234 24.71 -10.19 -10.14
CA GLU A 234 25.13 -11.50 -9.70
C GLU A 234 24.66 -12.58 -10.66
N MET A 235 23.50 -12.41 -11.29
CA MET A 235 22.98 -13.35 -12.30
C MET A 235 23.73 -13.29 -13.63
N LEU A 236 24.13 -12.08 -13.98
CA LEU A 236 24.92 -11.79 -15.17
C LEU A 236 26.29 -12.48 -15.10
N GLN A 237 26.88 -12.51 -13.91
CA GLN A 237 28.27 -12.88 -13.77
C GLN A 237 28.48 -14.38 -13.61
N ALA A 238 27.39 -15.13 -13.52
CA ALA A 238 27.44 -16.58 -13.30
C ALA A 238 27.16 -17.43 -14.55
N LYS A 239 28.18 -17.55 -15.41
CA LYS A 239 28.30 -18.52 -16.54
C LYS A 239 27.01 -19.04 -17.26
N GLN A 240 26.53 -18.14 -18.10
CA GLN A 240 25.76 -18.46 -19.29
C GLN A 240 26.76 -18.37 -20.48
N PRO B 1 14.64 23.81 18.41
CA PRO B 1 14.84 23.83 19.89
C PRO B 1 13.78 24.61 20.68
N ASN B 2 13.96 24.65 22.00
CA ASN B 2 12.97 25.17 22.95
C ASN B 2 11.65 24.41 22.78
N VAL B 3 11.72 23.07 22.90
CA VAL B 3 10.52 22.23 22.78
C VAL B 3 10.45 21.32 23.99
N PRO B 4 9.36 21.41 24.76
CA PRO B 4 9.20 20.59 25.97
C PRO B 4 9.28 19.08 25.72
N GLU B 5 10.00 18.38 26.58
CA GLU B 5 10.20 16.95 26.45
C GLU B 5 8.89 16.21 26.19
N LEU B 6 7.83 16.58 26.89
CA LEU B 6 6.52 15.93 26.73
C LEU B 6 6.12 15.89 25.25
N ILE B 7 6.17 17.06 24.63
CA ILE B 7 5.83 17.21 23.24
C ILE B 7 6.75 16.38 22.33
N LEU B 8 8.06 16.41 22.60
CA LEU B 8 9.03 15.65 21.81
C LEU B 8 8.73 14.15 21.90
N GLN B 9 8.32 13.71 23.09
CA GLN B 9 7.93 12.34 23.33
C GLN B 9 6.63 12.01 22.61
N LEU B 10 5.68 12.94 22.58
CA LEU B 10 4.44 12.75 21.85
C LEU B 10 4.64 12.68 20.33
N LEU B 11 5.60 13.42 19.82
CA LEU B 11 5.96 13.33 18.42
C LEU B 11 6.58 11.95 18.08
N GLN B 12 7.32 11.37 19.02
CA GLN B 12 7.96 10.07 18.82
C GLN B 12 6.94 8.92 18.80
N LEU B 13 5.81 9.17 19.45
CA LEU B 13 4.76 8.20 19.61
C LEU B 13 3.59 8.36 18.63
N GLU B 14 3.62 9.45 17.84
CA GLU B 14 2.55 9.72 16.89
C GLU B 14 2.60 8.72 15.74
N PRO B 15 1.49 8.00 15.54
CA PRO B 15 1.41 7.08 14.41
C PRO B 15 1.75 7.79 13.09
N ASP B 16 2.53 7.16 12.24
CA ASP B 16 2.76 7.67 10.89
C ASP B 16 1.50 7.55 10.03
N GLU B 17 1.08 8.68 9.45
CA GLU B 17 -0.19 8.80 8.71
C GLU B 17 -0.22 7.86 7.49
N ASP B 18 0.93 7.71 6.83
CA ASP B 18 1.09 6.79 5.71
C ASP B 18 1.02 5.33 6.12
N GLN B 19 1.57 5.01 7.29
CA GLN B 19 1.45 3.66 7.83
C GLN B 19 0.04 3.33 8.30
N VAL B 20 -0.59 4.25 9.01
CA VAL B 20 -1.96 4.01 9.44
C VAL B 20 -2.88 3.85 8.21
N ARG B 21 -2.57 4.54 7.11
CA ARG B 21 -3.38 4.44 5.89
C ARG B 21 -3.31 3.04 5.33
N ALA B 22 -2.08 2.55 5.15
CA ALA B 22 -1.85 1.21 4.58
C ALA B 22 -2.45 0.11 5.43
N ARG B 23 -2.30 0.24 6.74
CA ARG B 23 -2.88 -0.68 7.70
C ARG B 23 -4.42 -0.76 7.57
N ILE B 24 -5.08 0.41 7.58
CA ILE B 24 -6.55 0.51 7.51
C ILE B 24 -7.09 0.02 6.16
N LEU B 25 -6.46 0.49 5.09
CA LEU B 25 -6.72 0.05 3.72
C LEU B 25 -6.65 -1.47 3.59
N GLY B 26 -5.63 -2.05 4.22
CA GLY B 26 -5.44 -3.49 4.26
C GLY B 26 -6.47 -4.21 5.10
N SER B 27 -6.89 -3.57 6.20
CA SER B 27 -8.00 -4.12 6.97
C SER B 27 -9.33 -4.07 6.21
N LEU B 28 -9.52 -3.05 5.38
CA LEU B 28 -10.76 -2.90 4.63
C LEU B 28 -10.82 -3.86 3.45
N GLN B 29 -9.76 -4.63 3.25
CA GLN B 29 -9.70 -5.65 2.18
C GLN B 29 -10.11 -7.06 2.62
N GLU B 30 -10.15 -7.32 3.93
CA GLU B 30 -10.67 -8.57 4.46
C GLU B 30 -12.17 -8.74 4.12
N PRO B 31 -12.64 -9.96 3.83
CA PRO B 31 -14.06 -10.14 3.46
C PRO B 31 -15.02 -9.95 4.65
N THR B 32 -16.09 -9.18 4.45
CA THR B 32 -17.13 -9.02 5.47
C THR B 32 -18.25 -10.00 5.15
N LYS B 33 -19.10 -9.62 4.20
CA LYS B 33 -20.16 -10.49 3.69
C LYS B 33 -20.81 -9.97 2.40
N SER B 34 -21.78 -10.75 1.91
CA SER B 34 -22.73 -10.29 0.91
C SER B 34 -24.05 -9.96 1.61
N ARG B 35 -24.15 -8.75 2.16
CA ARG B 35 -25.44 -8.21 2.59
C ARG B 35 -25.87 -7.13 1.57
N PRO B 36 -26.57 -7.55 0.49
CA PRO B 36 -27.03 -6.64 -0.58
C PRO B 36 -28.30 -5.81 -0.22
N ASP B 37 -28.28 -5.19 0.98
CA ASP B 37 -29.44 -4.47 1.54
C ASP B 37 -28.98 -3.13 2.08
N GLN B 38 -27.97 -3.18 2.93
CA GLN B 38 -27.29 -1.97 3.39
C GLN B 38 -26.20 -1.57 2.38
N PRO B 39 -25.99 -0.25 2.27
CA PRO B 39 -24.98 0.29 1.35
C PRO B 39 -23.61 -0.18 1.75
N ALA B 40 -22.90 -0.76 0.79
CA ALA B 40 -21.58 -1.31 1.04
C ALA B 40 -20.66 -0.26 1.63
N ALA B 41 -20.70 0.95 1.08
CA ALA B 41 -19.83 2.02 1.52
C ALA B 41 -20.11 2.51 2.94
N PHE B 42 -21.32 2.36 3.43
CA PHE B 42 -21.58 2.73 4.81
C PHE B 42 -20.83 1.81 5.80
N GLY B 43 -20.87 0.49 5.56
CA GLY B 43 -20.12 -0.43 6.39
C GLY B 43 -18.61 -0.20 6.32
N LEU B 44 -18.17 0.09 5.11
CA LEU B 44 -16.78 0.37 4.80
C LEU B 44 -16.24 1.52 5.63
N LEU B 45 -16.98 2.62 5.66
CA LEU B 45 -16.58 3.80 6.39
C LEU B 45 -16.70 3.62 7.90
N CYS B 46 -17.69 2.85 8.31
CA CYS B 46 -17.80 2.41 9.68
C CYS B 46 -16.57 1.59 10.09
N ARG B 47 -16.10 0.71 9.23
CA ARG B 47 -14.92 -0.09 9.54
C ARG B 47 -13.69 0.74 9.62
N MET B 48 -13.61 1.72 8.74
CA MET B 48 -12.48 2.64 8.65
C MET B 48 -12.31 3.48 9.91
N ALA B 49 -13.43 3.90 10.50
CA ALA B 49 -13.42 4.69 11.72
C ALA B 49 -13.12 3.80 12.94
N ASP B 50 -13.58 2.56 12.90
CA ASP B 50 -13.25 1.58 13.90
C ASP B 50 -11.74 1.37 13.94
N GLN B 51 -11.15 1.20 12.77
CA GLN B 51 -9.74 0.91 12.68
C GLN B 51 -8.90 2.12 13.05
N THR B 52 -9.49 3.31 12.89
CA THR B 52 -8.81 4.55 13.25
C THR B 52 -8.74 4.59 14.76
N PHE B 53 -9.85 4.21 15.36
CA PHE B 53 -9.94 4.20 16.80
C PHE B 53 -9.02 3.14 17.41
N ILE B 54 -8.95 1.96 16.81
CA ILE B 54 -7.97 0.96 17.23
C ILE B 54 -6.53 1.51 17.24
N SER B 55 -6.18 2.28 16.22
CA SER B 55 -4.87 2.87 16.10
C SER B 55 -4.64 3.93 17.17
N ILE B 56 -5.70 4.63 17.54
CA ILE B 56 -5.67 5.61 18.61
C ILE B 56 -5.47 4.95 19.96
N VAL B 57 -6.13 3.81 20.18
CA VAL B 57 -5.91 3.03 21.39
C VAL B 57 -4.46 2.54 21.48
N ASP B 58 -3.89 2.07 20.38
CA ASP B 58 -2.49 1.64 20.38
C ASP B 58 -1.56 2.83 20.71
N TRP B 59 -1.86 4.02 20.21
CA TRP B 59 -1.09 5.23 20.57
C TRP B 59 -1.11 5.52 22.08
N ALA B 60 -2.31 5.48 22.66
CA ALA B 60 -2.51 5.78 24.06
C ALA B 60 -1.82 4.78 24.98
N ARG B 61 -1.93 3.49 24.71
CA ARG B 61 -1.35 2.49 25.60
C ARG B 61 0.17 2.61 25.70
N ARG B 62 0.79 3.22 24.68
CA ARG B 62 2.23 3.50 24.67
C ARG B 62 2.61 4.81 25.33
N CYS B 63 1.66 5.71 25.51
CA CYS B 63 1.96 7.05 26.04
C CYS B 63 2.44 7.05 27.47
N MET B 64 3.21 8.06 27.79
CA MET B 64 3.69 8.33 29.13
C MET B 64 2.51 8.53 30.07
N VAL B 65 2.69 8.11 31.31
CA VAL B 65 1.67 8.15 32.35
C VAL B 65 0.55 7.13 32.09
N PHE B 66 -0.19 7.30 31.01
CA PHE B 66 -1.20 6.32 30.64
C PHE B 66 -0.70 4.85 30.75
N LYS B 67 0.54 4.58 30.33
CA LYS B 67 1.10 3.22 30.38
C LYS B 67 1.38 2.68 31.80
N GLU B 68 1.48 3.57 32.76
CA GLU B 68 1.69 3.15 34.15
C GLU B 68 0.35 3.04 34.87
N LEU B 69 -0.72 3.55 34.26
CA LEU B 69 -2.06 3.38 34.80
C LEU B 69 -2.46 1.91 34.64
N GLU B 70 -3.20 1.38 35.61
CA GLU B 70 -3.73 0.02 35.43
C GLU B 70 -4.92 0.08 34.47
N VAL B 71 -5.26 -1.08 33.93
CA VAL B 71 -6.21 -1.17 32.82
C VAL B 71 -7.53 -0.48 33.19
N ALA B 72 -7.97 -0.56 34.44
CA ALA B 72 -9.24 0.07 34.82
C ALA B 72 -9.25 1.57 34.51
N ASP B 73 -8.22 2.29 34.92
CA ASP B 73 -8.15 3.73 34.68
C ASP B 73 -7.99 4.05 33.22
N GLN B 74 -7.19 3.25 32.53
CA GLN B 74 -7.00 3.37 31.09
C GLN B 74 -8.32 3.30 30.34
N MET B 75 -9.21 2.40 30.77
CA MET B 75 -10.51 2.25 30.11
C MET B 75 -11.43 3.44 30.37
N THR B 76 -11.36 3.97 31.58
CA THR B 76 -12.21 5.05 32.03
C THR B 76 -11.92 6.32 31.21
N LEU B 77 -10.65 6.62 31.05
CA LEU B 77 -10.19 7.77 30.25
C LEU B 77 -10.64 7.68 28.81
N LEU B 78 -10.30 6.56 28.20
CA LEU B 78 -10.71 6.25 26.84
C LEU B 78 -12.23 6.21 26.68
N GLN B 79 -12.97 5.77 27.68
CA GLN B 79 -14.44 5.77 27.59
C GLN B 79 -14.96 7.20 27.55
N ASN B 80 -14.24 8.12 28.19
CA ASN B 80 -14.64 9.52 28.28
C ASN B 80 -14.33 10.34 27.03
N CYS B 81 -13.30 9.95 26.28
CA CYS B 81 -12.76 10.79 25.20
C CYS B 81 -12.68 10.13 23.84
N TRP B 82 -13.25 8.94 23.67
CA TRP B 82 -13.11 8.20 22.41
C TRP B 82 -13.59 9.03 21.20
N SER B 83 -14.75 9.67 21.32
CA SER B 83 -15.35 10.44 20.25
C SER B 83 -14.59 11.77 19.97
N GLU B 84 -14.06 12.38 21.02
CA GLU B 84 -13.24 13.58 20.88
C GLU B 84 -11.93 13.31 20.10
N LEU B 85 -11.29 12.19 20.36
CA LEU B 85 -10.05 11.85 19.71
C LEU B 85 -10.26 11.55 18.24
N LEU B 86 -11.34 10.84 17.92
CA LEU B 86 -11.72 10.58 16.53
C LEU B 86 -12.06 11.82 15.75
N VAL B 87 -12.83 12.71 16.36
CA VAL B 87 -13.17 14.00 15.75
C VAL B 87 -11.92 14.83 15.45
N PHE B 88 -11.09 14.97 16.45
CA PHE B 88 -9.88 15.78 16.37
C PHE B 88 -8.91 15.17 15.36
N ASP B 89 -8.87 13.85 15.30
CA ASP B 89 -8.10 13.16 14.28
C ASP B 89 -8.57 13.54 12.88
N HIS B 90 -9.88 13.47 12.66
CA HIS B 90 -10.49 13.94 11.42
C HIS B 90 -10.20 15.40 11.15
N ILE B 91 -10.34 16.23 12.16
CA ILE B 91 -10.16 17.67 12.04
C ILE B 91 -8.74 17.94 11.60
N TYR B 92 -7.78 17.27 12.22
CA TYR B 92 -6.39 17.59 11.94
C TYR B 92 -5.99 17.10 10.56
N ARG B 93 -6.57 15.99 10.08
CA ARG B 93 -6.34 15.50 8.74
C ARG B 93 -6.77 16.53 7.72
N GLN B 94 -7.82 17.29 8.06
CA GLN B 94 -8.36 18.34 7.20
C GLN B 94 -7.50 19.61 7.22
N VAL B 95 -6.89 19.88 8.36
CA VAL B 95 -5.94 20.96 8.50
C VAL B 95 -4.72 20.69 7.61
N GLN B 96 -4.20 19.47 7.66
CA GLN B 96 -3.17 19.02 6.75
C GLN B 96 -3.55 19.04 5.24
N HIS B 97 -4.79 18.68 4.93
CA HIS B 97 -5.37 18.64 3.57
C HIS B 97 -5.45 20.04 2.93
N GLY B 98 -5.90 21.02 3.71
CA GLY B 98 -5.93 22.42 3.31
C GLY B 98 -6.67 22.67 2.01
N LYS B 99 -7.85 22.08 1.88
CA LYS B 99 -8.74 22.31 0.73
C LYS B 99 -10.13 22.40 1.29
N GLU B 100 -10.77 23.54 1.14
CA GLU B 100 -12.12 23.73 1.64
C GLU B 100 -13.24 22.96 0.91
N GLY B 101 -13.04 22.66 -0.37
CA GLY B 101 -14.04 22.00 -1.20
C GLY B 101 -14.25 20.51 -1.00
N SER B 102 -13.33 19.84 -0.30
CA SER B 102 -13.47 18.41 -0.04
C SER B 102 -12.94 18.06 1.32
N ILE B 103 -13.40 16.92 1.83
CA ILE B 103 -12.84 16.29 3.02
C ILE B 103 -12.00 15.07 2.64
N LEU B 104 -10.94 14.87 3.40
CA LEU B 104 -9.98 13.79 3.19
C LEU B 104 -10.16 12.73 4.28
N LEU B 105 -10.33 11.48 3.86
CA LEU B 105 -10.45 10.36 4.80
C LEU B 105 -9.09 9.74 5.01
N VAL B 106 -8.98 8.95 6.06
CA VAL B 106 -7.69 8.36 6.44
C VAL B 106 -7.24 7.33 5.41
N THR B 107 -8.17 6.82 4.63
CA THR B 107 -7.84 5.93 3.52
C THR B 107 -7.17 6.63 2.37
N GLY B 108 -7.31 7.95 2.31
CA GLY B 108 -6.76 8.75 1.25
C GLY B 108 -7.83 9.19 0.28
N GLN B 109 -9.04 8.67 0.42
CA GLN B 109 -10.10 9.08 -0.50
C GLN B 109 -10.72 10.44 -0.14
N GLU B 110 -11.01 11.22 -1.18
CA GLU B 110 -11.54 12.57 -1.08
C GLU B 110 -13.04 12.54 -1.33
N VAL B 111 -13.79 13.33 -0.59
CA VAL B 111 -15.21 13.50 -0.83
C VAL B 111 -15.50 14.98 -0.92
N GLU B 112 -16.05 15.38 -2.05
CA GLU B 112 -16.44 16.76 -2.22
C GLU B 112 -17.60 17.08 -1.32
N LEU B 113 -17.64 18.32 -0.89
CA LEU B 113 -18.66 18.80 -0.02
C LEU B 113 -19.97 18.84 -0.77
N THR B 114 -19.90 18.94 -2.10
CA THR B 114 -21.10 18.85 -2.94
C THR B 114 -21.73 17.46 -2.83
N THR B 115 -20.89 16.44 -2.75
CA THR B 115 -21.35 15.09 -2.65
C THR B 115 -22.05 14.88 -1.32
N VAL B 116 -21.52 15.46 -0.26
CA VAL B 116 -22.19 15.34 1.01
C VAL B 116 -23.44 16.20 1.09
N ALA B 117 -23.43 17.39 0.45
CA ALA B 117 -24.61 18.27 0.48
C ALA B 117 -25.81 17.56 -0.12
N THR B 118 -25.53 16.64 -1.02
CA THR B 118 -26.53 16.03 -1.86
C THR B 118 -26.89 14.57 -1.44
N GLN B 119 -25.93 13.83 -0.89
CA GLN B 119 -26.13 12.42 -0.52
C GLN B 119 -26.35 12.14 0.97
N ALA B 120 -25.87 13.04 1.82
CA ALA B 120 -25.98 12.87 3.27
C ALA B 120 -27.29 13.46 3.76
N GLY B 121 -27.72 13.01 4.93
CA GLY B 121 -28.89 13.57 5.57
C GLY B 121 -28.55 14.82 6.35
N SER B 122 -29.58 15.40 6.96
CA SER B 122 -29.51 16.58 7.81
C SER B 122 -28.43 16.55 8.86
N LEU B 123 -28.46 15.51 9.69
CA LEU B 123 -27.55 15.37 10.81
C LEU B 123 -26.10 15.35 10.31
N LEU B 124 -25.81 14.42 9.41
CA LEU B 124 -24.46 14.22 8.93
C LEU B 124 -23.92 15.44 8.16
N HIS B 125 -24.75 15.97 7.29
CA HIS B 125 -24.42 17.17 6.55
C HIS B 125 -23.98 18.30 7.50
N SER B 126 -24.81 18.56 8.52
CA SER B 126 -24.56 19.62 9.50
C SER B 126 -23.29 19.40 10.30
N LEU B 127 -23.05 18.15 10.68
CA LEU B 127 -21.85 17.77 11.41
C LEU B 127 -20.57 18.04 10.58
N VAL B 128 -20.58 17.63 9.33
CA VAL B 128 -19.43 17.78 8.47
C VAL B 128 -19.11 19.26 8.32
N LEU B 129 -20.12 20.08 8.06
CA LEU B 129 -19.94 21.53 7.91
C LEU B 129 -19.40 22.25 9.15
N ARG B 130 -19.87 21.83 10.32
CA ARG B 130 -19.46 22.41 11.59
C ARG B 130 -18.02 22.09 11.84
N ALA B 131 -17.65 20.84 11.56
CA ALA B 131 -16.26 20.39 11.65
C ALA B 131 -15.33 21.20 10.76
N GLN B 132 -15.77 21.43 9.54
CA GLN B 132 -15.02 22.21 8.55
C GLN B 132 -14.78 23.66 9.02
N GLU B 133 -15.72 24.25 9.75
CA GLU B 133 -15.55 25.56 10.35
C GLU B 133 -14.47 25.60 11.40
N LEU B 134 -14.35 24.55 12.20
CA LEU B 134 -13.30 24.43 13.18
C LEU B 134 -11.92 24.17 12.53
N VAL B 135 -11.92 23.50 11.39
CA VAL B 135 -10.73 23.35 10.57
C VAL B 135 -10.23 24.73 10.15
N LEU B 136 -11.16 25.61 9.83
CA LEU B 136 -10.83 26.96 9.38
C LEU B 136 -10.19 27.80 10.49
N GLN B 137 -10.78 27.73 11.70
CA GLN B 137 -10.22 28.30 12.92
C GLN B 137 -8.79 27.83 13.18
N LEU B 138 -8.59 26.53 13.19
CA LEU B 138 -7.28 25.94 13.44
C LEU B 138 -6.24 26.37 12.40
N LEU B 139 -6.64 26.53 11.14
CA LEU B 139 -5.75 27.07 10.10
C LEU B 139 -5.43 28.55 10.35
N ALA B 140 -6.42 29.30 10.82
CA ALA B 140 -6.23 30.69 11.14
C ALA B 140 -5.32 30.88 12.37
N LEU B 141 -5.40 29.97 13.34
CA LEU B 141 -4.52 29.99 14.53
C LEU B 141 -3.16 29.35 14.26
N GLN B 142 -2.97 28.81 13.06
CA GLN B 142 -1.71 28.21 12.65
C GLN B 142 -1.33 27.04 13.50
N LEU B 143 -2.28 26.13 13.69
CA LEU B 143 -1.99 24.88 14.40
C LEU B 143 -0.87 24.08 13.72
N ASP B 144 0.13 23.69 14.51
CA ASP B 144 1.23 22.87 14.03
C ASP B 144 1.25 21.53 14.74
N ARG B 145 2.13 20.64 14.32
CA ARG B 145 2.10 19.24 14.76
C ARG B 145 2.39 19.06 16.24
N GLN B 146 3.23 19.96 16.78
CA GLN B 146 3.59 20.02 18.19
C GLN B 146 2.37 20.32 19.06
N GLU B 147 1.58 21.31 18.66
CA GLU B 147 0.33 21.64 19.34
C GLU B 147 -0.70 20.52 19.17
N PHE B 148 -0.81 19.98 17.96
CA PHE B 148 -1.71 18.88 17.68
C PHE B 148 -1.49 17.72 18.64
N VAL B 149 -0.26 17.22 18.72
CA VAL B 149 0.00 16.04 19.52
C VAL B 149 -0.19 16.32 21.01
N CYS B 150 0.07 17.56 21.43
CA CYS B 150 -0.08 17.92 22.83
C CYS B 150 -1.53 17.98 23.22
N LEU B 151 -2.32 18.59 22.34
CA LEU B 151 -3.77 18.64 22.46
C LEU B 151 -4.47 17.28 22.47
N LYS B 152 -3.99 16.34 21.65
CA LYS B 152 -4.46 14.95 21.71
C LYS B 152 -4.25 14.34 23.09
N PHE B 153 -3.10 14.63 23.69
CA PHE B 153 -2.76 14.14 25.03
C PHE B 153 -3.60 14.79 26.15
N ILE B 154 -3.83 16.07 26.00
CA ILE B 154 -4.73 16.79 26.86
C ILE B 154 -6.14 16.21 26.83
N ILE B 155 -6.65 15.88 25.66
CA ILE B 155 -7.99 15.33 25.53
C ILE B 155 -8.03 14.00 26.26
N LEU B 156 -6.99 13.20 26.03
CA LEU B 156 -6.87 11.90 26.62
C LEU B 156 -7.05 11.99 28.15
N PHE B 157 -6.38 12.94 28.78
CA PHE B 157 -6.41 13.07 30.23
C PHE B 157 -7.41 14.11 30.74
N SER B 158 -8.31 14.59 29.89
CA SER B 158 -9.30 15.60 30.26
C SER B 158 -10.48 14.92 30.88
N LEU B 159 -10.33 14.49 32.12
CA LEU B 159 -11.42 13.86 32.86
C LEU B 159 -11.27 14.26 34.29
N ASP B 160 -12.35 14.77 34.87
CA ASP B 160 -12.31 15.17 36.26
C ASP B 160 -11.76 14.04 37.08
N LEU B 161 -10.88 14.41 38.02
CA LEU B 161 -10.09 13.47 38.81
C LEU B 161 -10.98 12.66 39.72
N LYS B 162 -12.08 13.28 40.13
CA LYS B 162 -13.09 12.70 41.01
C LYS B 162 -13.53 11.27 40.61
N PHE B 163 -13.37 10.87 39.35
CA PHE B 163 -13.67 9.47 39.00
C PHE B 163 -12.56 8.66 38.32
N LEU B 164 -11.33 8.82 38.81
CA LEU B 164 -10.28 7.82 38.61
C LEU B 164 -9.76 7.34 39.96
N ASN B 165 -9.08 6.21 39.95
CA ASN B 165 -8.44 5.70 41.13
C ASN B 165 -7.20 6.52 41.42
N ASN B 166 -6.32 6.60 40.43
CA ASN B 166 -5.03 7.24 40.59
C ASN B 166 -5.05 8.69 40.17
N HIS B 167 -5.61 9.52 41.03
CA HIS B 167 -5.59 10.97 40.88
C HIS B 167 -4.18 11.53 40.70
N ILE B 168 -3.17 10.89 41.29
CA ILE B 168 -1.84 11.48 41.33
C ILE B 168 -1.13 11.44 39.96
N LEU B 169 -1.16 10.29 39.29
CA LEU B 169 -0.53 10.17 37.98
C LEU B 169 -1.25 11.02 36.97
N VAL B 170 -2.57 11.07 37.10
CA VAL B 170 -3.43 11.79 36.18
C VAL B 170 -3.29 13.29 36.31
N LYS B 171 -3.28 13.77 37.55
CA LYS B 171 -3.09 15.18 37.85
C LYS B 171 -1.74 15.67 37.30
N ASP B 172 -0.67 14.95 37.62
CA ASP B 172 0.67 15.18 37.04
C ASP B 172 0.63 15.25 35.49
N ALA B 173 -0.05 14.30 34.87
CA ALA B 173 -0.21 14.25 33.42
C ALA B 173 -0.99 15.45 32.87
N GLN B 174 -2.08 15.82 33.56
CA GLN B 174 -2.93 16.94 33.18
C GLN B 174 -2.14 18.25 33.27
N GLU B 175 -1.48 18.43 34.40
CA GLU B 175 -0.65 19.61 34.67
C GLU B 175 0.54 19.74 33.69
N LYS B 176 1.23 18.64 33.44
CA LYS B 176 2.37 18.65 32.53
C LYS B 176 1.99 19.03 31.07
N ALA B 177 0.88 18.49 30.57
CA ALA B 177 0.43 18.73 29.19
C ALA B 177 -0.09 20.16 29.01
N ASN B 178 -0.78 20.67 30.01
CA ASN B 178 -1.23 22.05 30.01
C ASN B 178 -0.01 23.00 30.11
N ALA B 179 0.99 22.63 30.91
CA ALA B 179 2.20 23.42 31.03
C ALA B 179 3.09 23.35 29.78
N ALA B 180 3.18 22.18 29.17
CA ALA B 180 3.96 21.99 27.94
C ALA B 180 3.41 22.82 26.78
N LEU B 181 2.09 22.79 26.63
CA LEU B 181 1.43 23.56 25.58
C LEU B 181 1.57 25.06 25.83
N LEU B 182 1.36 25.51 27.06
CA LEU B 182 1.46 26.93 27.32
C LEU B 182 2.86 27.40 26.95
N ASP B 183 3.87 26.70 27.47
CA ASP B 183 5.25 27.04 27.23
C ASP B 183 5.55 27.07 25.74
N TYR B 184 5.13 26.01 25.07
CA TYR B 184 5.45 25.84 23.68
C TYR B 184 4.88 27.00 22.87
N THR B 185 3.61 27.32 23.11
CA THR B 185 2.93 28.32 22.28
C THR B 185 3.52 29.72 22.46
N LEU B 186 3.87 30.09 23.68
CA LEU B 186 4.40 31.44 23.85
C LEU B 186 5.85 31.58 23.54
N CYS B 187 6.59 30.47 23.51
CA CYS B 187 8.00 30.49 23.12
C CYS B 187 8.15 30.46 21.64
N HIS B 188 7.26 29.74 20.95
CA HIS B 188 7.33 29.54 19.49
C HIS B 188 6.42 30.49 18.70
N TYR B 189 5.44 31.07 19.38
CA TYR B 189 4.51 32.01 18.75
C TYR B 189 4.25 33.16 19.73
N PRO B 190 5.31 33.89 20.08
CA PRO B 190 5.22 34.94 21.12
C PRO B 190 4.30 36.10 20.75
N HIS B 191 4.00 36.24 19.47
CA HIS B 191 3.18 37.34 18.99
C HIS B 191 1.71 36.98 18.81
N SER B 192 1.36 35.73 19.11
CA SER B 192 -0.04 35.38 19.45
C SER B 192 -0.10 35.05 20.96
N GLY B 193 -0.34 36.09 21.78
CA GLY B 193 -0.24 35.96 23.23
C GLY B 193 -1.37 35.17 23.88
N ASP B 194 -2.33 34.79 23.04
CA ASP B 194 -3.55 34.13 23.45
C ASP B 194 -3.70 32.74 22.84
N LYS B 195 -2.68 32.27 22.15
CA LYS B 195 -2.79 31.08 21.34
C LYS B 195 -3.21 29.90 22.20
N PHE B 196 -2.62 29.80 23.38
CA PHE B 196 -2.89 28.71 24.30
C PHE B 196 -4.37 28.64 24.61
N GLN B 197 -4.93 29.77 25.02
CA GLN B 197 -6.34 29.82 25.37
C GLN B 197 -7.26 29.57 24.16
N GLN B 198 -6.89 30.11 23.01
CA GLN B 198 -7.69 29.92 21.79
C GLN B 198 -7.71 28.45 21.37
N LEU B 199 -6.62 27.74 21.63
CA LEU B 199 -6.51 26.32 21.31
C LEU B 199 -7.35 25.46 22.27
N LEU B 200 -7.35 25.83 23.53
CA LEU B 200 -8.19 25.18 24.51
C LEU B 200 -9.68 25.39 24.22
N LEU B 201 -10.04 26.57 23.71
CA LEU B 201 -11.41 26.85 23.32
C LEU B 201 -11.83 25.94 22.15
N CYS B 202 -10.89 25.68 21.25
CA CYS B 202 -11.13 24.76 20.15
C CYS B 202 -11.47 23.36 20.65
N LEU B 203 -10.87 22.98 21.77
CA LEU B 203 -11.16 21.72 22.44
C LEU B 203 -12.59 21.68 22.97
N VAL B 204 -13.11 22.82 23.43
CA VAL B 204 -14.50 22.89 23.85
C VAL B 204 -15.38 22.54 22.66
N GLU B 205 -15.03 23.08 21.50
CA GLU B 205 -15.80 22.87 20.30
C GLU B 205 -15.69 21.46 19.80
N VAL B 206 -14.56 20.79 20.05
CA VAL B 206 -14.40 19.39 19.69
C VAL B 206 -15.31 18.53 20.55
N ARG B 207 -15.48 18.88 21.82
CA ARG B 207 -16.42 18.20 22.68
C ARG B 207 -17.89 18.36 22.20
N ALA B 208 -18.29 19.56 21.78
CA ALA B 208 -19.62 19.81 21.21
C ALA B 208 -19.90 19.01 19.92
N LEU B 209 -18.90 18.98 19.04
CA LEU B 209 -18.91 18.21 17.81
C LEU B 209 -19.05 16.75 18.10
N SER B 210 -18.34 16.30 19.12
CA SER B 210 -18.34 14.90 19.55
C SER B 210 -19.66 14.43 20.04
N MET B 211 -20.42 15.31 20.66
CA MET B 211 -21.74 14.97 21.14
C MET B 211 -22.69 14.86 19.97
N GLN B 212 -22.65 15.78 19.01
CA GLN B 212 -23.49 15.66 17.80
C GLN B 212 -23.20 14.39 17.03
N ALA B 213 -21.93 14.01 17.00
CA ALA B 213 -21.49 12.80 16.33
C ALA B 213 -22.04 11.57 17.02
N LYS B 214 -22.00 11.56 18.35
CA LYS B 214 -22.63 10.52 19.13
C LYS B 214 -24.11 10.39 18.83
N GLU B 215 -24.79 11.51 18.63
CA GLU B 215 -26.20 11.52 18.30
C GLU B 215 -26.47 10.96 16.90
N TYR B 216 -25.54 11.19 15.98
CA TYR B 216 -25.59 10.61 14.64
C TYR B 216 -25.51 9.10 14.71
N LEU B 217 -24.53 8.61 15.46
CA LEU B 217 -24.34 7.18 15.70
C LEU B 217 -25.53 6.52 16.35
N TYR B 218 -26.14 7.18 17.32
CA TYR B 218 -27.30 6.63 18.02
C TYR B 218 -28.49 6.49 17.08
N HIS B 219 -28.69 7.50 16.23
CA HIS B 219 -29.71 7.48 15.18
C HIS B 219 -29.54 6.29 14.22
N LYS B 220 -28.31 6.11 13.76
CA LYS B 220 -27.93 5.01 12.88
C LYS B 220 -28.14 3.66 13.55
N HIS B 221 -27.71 3.59 14.80
CA HIS B 221 -27.91 2.42 15.65
C HIS B 221 -29.38 1.99 15.81
N LEU B 222 -30.28 2.96 15.98
CA LEU B 222 -31.68 2.65 16.26
C LEU B 222 -32.35 2.16 14.99
N GLY B 223 -31.88 2.68 13.85
CA GLY B 223 -32.37 2.28 12.55
C GLY B 223 -31.78 0.96 12.07
N ASN B 224 -30.98 0.33 12.93
CA ASN B 224 -30.32 -0.95 12.68
C ASN B 224 -29.40 -0.94 11.47
N GLU B 225 -28.78 0.21 11.25
CA GLU B 225 -27.98 0.48 10.06
C GLU B 225 -26.49 0.27 10.30
N MET B 226 -26.07 0.22 11.57
CA MET B 226 -24.68 -0.03 11.91
C MET B 226 -24.33 -1.49 11.77
N PRO B 227 -23.09 -1.78 11.39
CA PRO B 227 -22.57 -3.16 11.42
C PRO B 227 -22.67 -3.75 12.81
N ARG B 228 -22.87 -5.07 12.91
CA ARG B 228 -23.08 -5.70 14.22
C ARG B 228 -21.78 -5.77 15.04
N ASN B 229 -20.63 -5.79 14.37
CA ASN B 229 -19.33 -5.81 15.09
C ASN B 229 -18.74 -4.44 15.44
N ASN B 230 -19.57 -3.41 15.36
CA ASN B 230 -19.09 -2.04 15.42
C ASN B 230 -18.60 -1.66 16.81
N LEU B 231 -17.33 -1.26 16.93
CA LEU B 231 -16.81 -0.87 18.24
C LEU B 231 -17.11 0.54 18.67
N LEU B 232 -17.43 1.44 17.73
CA LEU B 232 -17.82 2.78 18.15
C LEU B 232 -19.12 2.69 18.96
N ILE B 233 -19.97 1.73 18.58
CA ILE B 233 -21.24 1.47 19.24
C ILE B 233 -21.01 0.81 20.59
N GLU B 234 -20.01 -0.08 20.69
CA GLU B 234 -19.60 -0.58 22.00
C GLU B 234 -19.19 0.56 22.89
N MET B 235 -18.37 1.47 22.35
CA MET B 235 -17.95 2.65 23.08
C MET B 235 -19.16 3.50 23.45
N LEU B 236 -20.10 3.67 22.52
CA LEU B 236 -21.27 4.53 22.75
C LEU B 236 -22.19 3.98 23.83
N GLN B 237 -22.30 2.65 23.89
CA GLN B 237 -23.22 1.96 24.77
C GLN B 237 -22.55 1.49 26.07
N ALA B 238 -21.54 2.22 26.49
CA ALA B 238 -20.99 2.06 27.82
C ALA B 238 -21.49 3.26 28.64
N LYS B 239 -21.27 3.21 29.96
CA LYS B 239 -21.39 4.37 30.89
C LYS B 239 -22.54 4.19 31.90
N GLU C 1 28.61 -22.76 -10.16
CA GLU C 1 27.13 -22.83 -9.92
C GLU C 1 26.62 -21.60 -9.18
N ASN C 2 25.37 -21.21 -9.43
CA ASN C 2 24.84 -19.91 -8.98
C ASN C 2 24.30 -19.98 -7.57
N ALA C 3 25.00 -19.34 -6.64
CA ALA C 3 24.68 -19.41 -5.22
C ALA C 3 23.37 -18.73 -4.94
N LEU C 4 23.07 -17.69 -5.71
CA LEU C 4 21.82 -16.96 -5.59
C LEU C 4 20.63 -17.79 -6.02
N LEU C 5 20.74 -18.47 -7.15
CA LEU C 5 19.67 -19.32 -7.61
C LEU C 5 19.44 -20.46 -6.65
N ARG C 6 20.49 -21.08 -6.14
CA ARG C 6 20.27 -22.14 -5.15
C ARG C 6 19.53 -21.59 -3.93
N TYR C 7 19.90 -20.40 -3.51
CA TYR C 7 19.30 -19.79 -2.33
C TYR C 7 17.81 -19.51 -2.54
N LEU C 8 17.45 -19.00 -3.71
CA LEU C 8 16.10 -18.57 -3.97
C LEU C 8 15.18 -19.76 -4.21
N LEU C 9 15.78 -20.86 -4.63
CA LEU C 9 15.08 -22.08 -4.89
C LEU C 9 15.00 -22.98 -3.67
N ASP C 10 16.02 -22.90 -2.75
CA ASP C 10 16.08 -23.74 -1.53
C ASP C 10 15.11 -23.11 -0.50
N LYS C 11 15.37 -21.75 -0.36
CA LYS C 11 14.49 -20.71 0.36
C LYS C 11 14.92 -19.10 0.51
N ASP C 12 14.10 -18.08 -0.11
CA ASP C 12 14.04 -16.53 0.08
C ASP C 12 14.50 -15.52 -0.96
N GLU D 1 -18.26 -6.59 30.76
CA GLU D 1 -18.66 -5.15 30.63
C GLU D 1 -18.12 -4.50 29.34
N ASN D 2 -16.80 -4.50 29.15
CA ASN D 2 -16.19 -3.84 27.98
C ASN D 2 -14.90 -4.57 27.52
N ALA D 3 -15.08 -5.86 27.18
CA ALA D 3 -13.97 -6.78 26.88
C ALA D 3 -13.27 -6.53 25.54
N LEU D 4 -13.92 -5.83 24.62
CA LEU D 4 -13.26 -5.46 23.36
C LEU D 4 -12.19 -4.38 23.60
N LEU D 5 -12.54 -3.36 24.38
CA LEU D 5 -11.59 -2.32 24.77
C LEU D 5 -10.44 -2.85 25.64
N ARG D 6 -10.78 -3.79 26.53
CA ARG D 6 -9.81 -4.44 27.41
C ARG D 6 -8.76 -5.20 26.62
N TYR D 7 -9.19 -5.95 25.63
CA TYR D 7 -8.28 -6.72 24.78
C TYR D 7 -7.26 -5.80 24.12
N LEU D 8 -7.76 -4.68 23.62
CA LEU D 8 -6.98 -3.67 22.93
C LEU D 8 -5.84 -3.10 23.81
N LEU D 9 -6.11 -2.93 25.10
CA LEU D 9 -5.12 -2.40 26.03
C LEU D 9 -4.08 -3.42 26.54
N ASP D 10 -4.42 -4.71 26.50
CA ASP D 10 -3.57 -5.75 27.07
C ASP D 10 -2.45 -6.18 26.15
N LYS D 11 -2.25 -5.48 25.04
CA LYS D 11 -1.29 -5.89 24.01
C LYS D 11 -0.59 -7.21 24.33
#